data_4WKN
#
_entry.id   4WKN
#
_cell.length_a   156.958
_cell.length_b   156.958
_cell.length_c   156.958
_cell.angle_alpha   90.000
_cell.angle_beta   90.000
_cell.angle_gamma   90.000
#
_symmetry.space_group_name_H-M   'I 4 3 2'
#
loop_
_entity.id
_entity.type
_entity.pdbx_description
1 polymer 'Aminodeoxyfutalosine nucleosidase'
2 non-polymer (3R,4S)-1-[(4-AMINO-5H-PYRROLO[3,2-D]PYRIMIDIN-7-YL)METHYL]-4-[(METHYLSULFANYL)METHYL]PYRROLIDIN-3-OL
3 water water
#
_entity_poly.entity_id   1
_entity_poly.type   'polypeptide(L)'
_entity_poly.pdbx_seq_one_letter_code
;MGHHHHHHENLYFQGVQKIGILGAMREEITPILELFGVDFEEIPLGGNVFHKGVYHNKEIIVAYSKIGKVHSTLTTTSMI
LAFGVQKVLFSGVAGSLVKDLKINDLLVATQLVQHDVDLSAFDHPLGFIPESAIFIETSGSLNALAKKIANEQHIALKEG
VIASGDQFVHSKERKEFLVSEFKASAVEMEGASVAFVCQKFGVPCCVLRSISDNADEKAGMSFDEFLEKSAHTSAKFLKS
MVDEL
;
_entity_poly.pdbx_strand_id   A
#
loop_
_chem_comp.id
_chem_comp.type
_chem_comp.name
_chem_comp.formula
TDI non-polymer (3R,4S)-1-[(4-AMINO-5H-PYRROLO[3,2-D]PYRIMIDIN-7-YL)METHYL]-4-[(METHYLSULFANYL)METHYL]PYRROLIDIN-3-OL 'C13 H19 N5 O S'
#
# COMPACT_ATOMS: atom_id res chain seq x y z
N VAL A 16 21.57 11.04 -0.27
CA VAL A 16 22.32 9.77 -0.02
C VAL A 16 21.31 8.63 0.09
N GLN A 17 20.45 8.70 1.10
CA GLN A 17 19.39 7.72 1.25
C GLN A 17 18.33 7.87 0.14
N LYS A 18 17.90 6.76 -0.46
CA LYS A 18 16.94 6.80 -1.54
C LYS A 18 15.67 6.06 -1.14
N ILE A 19 14.55 6.78 -1.18
CA ILE A 19 13.27 6.25 -0.73
C ILE A 19 12.27 6.26 -1.88
N GLY A 20 11.75 5.09 -2.22
CA GLY A 20 10.71 4.94 -3.19
C GLY A 20 9.36 5.10 -2.52
N ILE A 21 8.49 5.87 -3.16
CA ILE A 21 7.16 6.15 -2.65
C ILE A 21 6.15 5.85 -3.73
N LEU A 22 5.20 4.97 -3.43
CA LEU A 22 4.27 4.47 -4.43
C LEU A 22 2.82 4.67 -4.02
N GLY A 23 2.01 5.06 -4.99
CA GLY A 23 0.57 4.91 -4.94
C GLY A 23 0.17 4.07 -6.15
N ALA A 24 -1.11 3.70 -6.23
CA ALA A 24 -1.63 3.01 -7.40
C ALA A 24 -2.21 3.98 -8.44
N MET A 25 -2.97 4.96 -7.96
CA MET A 25 -3.66 5.92 -8.81
C MET A 25 -3.00 7.28 -8.68
N ARG A 26 -3.10 8.08 -9.74
CA ARG A 26 -2.61 9.48 -9.67
C ARG A 26 -3.14 10.22 -8.45
N GLU A 27 -4.42 10.02 -8.13
CA GLU A 27 -5.05 10.63 -6.94
C GLU A 27 -4.31 10.30 -5.64
N GLU A 28 -3.68 9.13 -5.58
CA GLU A 28 -2.94 8.74 -4.38
C GLU A 28 -1.57 9.43 -4.24
N ILE A 29 -0.98 9.87 -5.34
CA ILE A 29 0.32 10.56 -5.25
C ILE A 29 0.25 12.07 -5.41
N THR A 30 -0.83 12.62 -5.97
CA THR A 30 -0.96 14.06 -6.04
C THR A 30 -0.73 14.75 -4.69
N PRO A 31 -1.41 14.29 -3.61
CA PRO A 31 -1.16 14.92 -2.30
C PRO A 31 0.27 14.69 -1.78
N ILE A 32 0.88 13.56 -2.15
CA ILE A 32 2.26 13.28 -1.74
C ILE A 32 3.18 14.34 -2.35
N LEU A 33 3.09 14.53 -3.66
CA LEU A 33 3.93 15.53 -4.36
C LEU A 33 3.72 16.94 -3.77
N GLU A 34 2.45 17.30 -3.56
CA GLU A 34 2.14 18.61 -3.01
C GLU A 34 2.64 18.77 -1.57
N LEU A 35 2.45 17.76 -0.73
CA LEU A 35 2.85 17.87 0.66
C LEU A 35 4.37 17.96 0.84
N PHE A 36 5.14 17.21 0.06
CA PHE A 36 6.61 17.32 0.14
C PHE A 36 7.04 18.74 -0.27
N GLY A 37 6.37 19.30 -1.27
CA GLY A 37 6.54 20.72 -1.61
C GLY A 37 7.86 21.09 -2.23
N VAL A 38 8.56 20.11 -2.78
CA VAL A 38 9.83 20.35 -3.48
C VAL A 38 9.64 20.20 -5.00
N ASP A 39 10.65 20.62 -5.75
CA ASP A 39 10.67 20.39 -7.19
C ASP A 39 10.99 18.94 -7.48
N PHE A 40 10.36 18.39 -8.52
CA PHE A 40 10.59 17.04 -8.97
C PHE A 40 11.02 17.03 -10.43
N GLU A 41 11.93 16.14 -10.77
CA GLU A 41 12.25 15.82 -12.14
C GLU A 41 11.43 14.60 -12.54
N GLU A 42 10.80 14.64 -13.72
CA GLU A 42 9.98 13.53 -14.19
C GLU A 42 10.78 12.62 -15.10
N ILE A 43 10.81 11.34 -14.80
CA ILE A 43 11.59 10.37 -15.53
C ILE A 43 10.69 9.21 -15.93
N PRO A 44 10.37 9.11 -17.22
CA PRO A 44 9.52 8.02 -17.68
C PRO A 44 10.30 6.71 -17.83
N LEU A 45 9.72 5.61 -17.39
CA LEU A 45 10.33 4.29 -17.58
C LEU A 45 9.26 3.22 -17.47
N GLY A 46 9.28 2.29 -18.40
CA GLY A 46 8.31 1.19 -18.39
C GLY A 46 6.84 1.60 -18.33
N GLY A 47 6.52 2.78 -18.84
CA GLY A 47 5.14 3.28 -18.86
C GLY A 47 4.73 3.97 -17.58
N ASN A 48 5.66 4.14 -16.63
CA ASN A 48 5.42 4.92 -15.41
C ASN A 48 6.19 6.24 -15.51
N VAL A 49 5.74 7.24 -14.77
CA VAL A 49 6.50 8.50 -14.61
C VAL A 49 7.01 8.53 -13.17
N PHE A 50 8.34 8.55 -13.02
CA PHE A 50 8.94 8.63 -11.69
C PHE A 50 9.32 10.08 -11.40
N HIS A 51 8.83 10.60 -10.27
CA HIS A 51 9.10 11.95 -9.85
C HIS A 51 10.25 11.91 -8.85
N LYS A 52 11.39 12.46 -9.24
CA LYS A 52 12.58 12.40 -8.44
C LYS A 52 12.86 13.75 -7.83
N GLY A 53 12.96 13.80 -6.51
CA GLY A 53 13.24 15.03 -5.80
C GLY A 53 14.15 14.79 -4.62
N VAL A 54 14.58 15.89 -4.00
CA VAL A 54 15.39 15.85 -2.79
C VAL A 54 14.61 16.54 -1.68
N TYR A 55 14.44 15.84 -0.57
CA TYR A 55 13.65 16.34 0.56
C TYR A 55 14.35 15.92 1.86
N HIS A 56 14.74 16.92 2.66
CA HIS A 56 15.43 16.68 3.94
C HIS A 56 16.59 15.72 3.74
N ASN A 57 17.40 16.02 2.73
CA ASN A 57 18.65 15.32 2.52
C ASN A 57 18.45 13.84 2.14
N LYS A 58 17.27 13.52 1.61
CA LYS A 58 16.99 12.21 1.07
C LYS A 58 16.52 12.38 -0.35
N GLU A 59 16.84 11.42 -1.19
CA GLU A 59 16.30 11.41 -2.52
C GLU A 59 15.00 10.64 -2.49
N ILE A 60 13.91 11.29 -2.87
CA ILE A 60 12.60 10.62 -2.90
C ILE A 60 12.16 10.40 -4.35
N ILE A 61 11.69 9.19 -4.64
CA ILE A 61 11.28 8.81 -5.96
C ILE A 61 9.80 8.40 -5.85
N VAL A 62 8.92 9.22 -6.41
CA VAL A 62 7.48 9.06 -6.26
C VAL A 62 6.82 8.65 -7.57
N ALA A 63 5.94 7.66 -7.51
CA ALA A 63 5.20 7.24 -8.71
C ALA A 63 3.88 6.59 -8.38
N TYR A 64 2.91 6.71 -9.30
CA TYR A 64 1.76 5.84 -9.24
C TYR A 64 1.94 4.70 -10.24
N SER A 65 1.64 3.49 -9.80
CA SER A 65 1.89 2.30 -10.59
C SER A 65 0.89 2.12 -11.73
N LYS A 66 -0.32 2.62 -11.51
CA LYS A 66 -1.55 2.22 -12.18
C LYS A 66 -2.12 1.01 -11.42
N ILE A 67 -3.41 0.76 -11.63
CA ILE A 67 -4.16 -0.15 -10.78
C ILE A 67 -3.78 -1.63 -10.95
N GLY A 68 -3.70 -2.35 -9.84
CA GLY A 68 -3.66 -3.81 -9.87
C GLY A 68 -2.28 -4.44 -9.75
N LYS A 69 -2.26 -5.75 -9.80
CA LYS A 69 -1.08 -6.50 -9.37
C LYS A 69 0.06 -6.47 -10.38
N VAL A 70 -0.25 -6.57 -11.67
CA VAL A 70 0.78 -6.51 -12.70
C VAL A 70 1.43 -5.12 -12.74
N HIS A 71 0.61 -4.08 -12.82
CA HIS A 71 1.10 -2.70 -12.78
C HIS A 71 2.03 -2.48 -11.58
N SER A 72 1.58 -2.85 -10.38
CA SER A 72 2.34 -2.55 -9.15
C SER A 72 3.61 -3.39 -9.03
N THR A 73 3.55 -4.63 -9.51
CA THR A 73 4.76 -5.45 -9.57
C THR A 73 5.82 -4.81 -10.48
N LEU A 74 5.40 -4.40 -11.68
CA LEU A 74 6.30 -3.77 -12.63
C LEU A 74 6.93 -2.52 -12.01
N THR A 75 6.10 -1.63 -11.47
CA THR A 75 6.63 -0.35 -10.98
C THR A 75 7.58 -0.54 -9.82
N THR A 76 7.28 -1.49 -8.94
CA THR A 76 8.12 -1.74 -7.78
C THR A 76 9.47 -2.28 -8.24
N THR A 77 9.44 -3.19 -9.21
CA THR A 77 10.65 -3.75 -9.75
C THR A 77 11.52 -2.67 -10.42
N SER A 78 10.90 -1.77 -11.16
CA SER A 78 11.63 -0.66 -11.76
C SER A 78 12.26 0.23 -10.70
N MET A 79 11.52 0.54 -9.64
CA MET A 79 12.06 1.37 -8.58
C MET A 79 13.33 0.80 -8.02
N ILE A 80 13.29 -0.49 -7.76
CA ILE A 80 14.42 -1.16 -7.16
C ILE A 80 15.58 -1.30 -8.15
N LEU A 81 15.32 -1.88 -9.32
CA LEU A 81 16.38 -2.18 -10.27
C LEU A 81 16.91 -0.96 -11.01
N ALA A 82 16.06 -0.01 -11.36
CA ALA A 82 16.50 1.13 -12.17
C ALA A 82 16.86 2.34 -11.33
N PHE A 83 16.16 2.55 -10.23
CA PHE A 83 16.41 3.72 -9.39
C PHE A 83 17.17 3.39 -8.11
N GLY A 84 17.38 2.11 -7.79
CA GLY A 84 18.15 1.72 -6.61
C GLY A 84 17.59 2.17 -5.26
N VAL A 85 16.27 2.27 -5.11
CA VAL A 85 15.73 2.68 -3.82
C VAL A 85 16.08 1.67 -2.70
N GLN A 86 16.27 2.19 -1.51
CA GLN A 86 16.64 1.39 -0.37
C GLN A 86 15.47 1.04 0.56
N LYS A 87 14.33 1.69 0.35
CA LYS A 87 13.10 1.39 1.07
C LYS A 87 11.95 1.75 0.15
N VAL A 88 10.84 1.05 0.31
CA VAL A 88 9.63 1.39 -0.43
C VAL A 88 8.49 1.58 0.56
N LEU A 89 7.82 2.73 0.45
CA LEU A 89 6.66 3.05 1.26
C LEU A 89 5.49 3.24 0.33
N PHE A 90 4.44 2.46 0.52
CA PHE A 90 3.25 2.57 -0.29
C PHE A 90 2.22 3.39 0.47
N SER A 91 1.52 4.29 -0.23
CA SER A 91 0.47 5.10 0.36
C SER A 91 -0.75 5.15 -0.56
N GLY A 92 -1.92 4.85 0.00
CA GLY A 92 -3.15 4.98 -0.75
C GLY A 92 -4.35 4.59 0.05
N VAL A 93 -5.41 4.18 -0.66
CA VAL A 93 -6.68 3.92 -0.02
C VAL A 93 -7.00 2.42 -0.06
N ALA A 94 -7.99 2.00 0.74
CA ALA A 94 -8.36 0.58 0.81
C ALA A 94 -9.79 0.40 1.29
N GLY A 95 -10.31 -0.81 1.06
CA GLY A 95 -11.63 -1.20 1.58
C GLY A 95 -11.49 -1.87 2.94
N SER A 96 -12.32 -1.47 3.89
CA SER A 96 -12.34 -2.05 5.25
C SER A 96 -13.16 -3.33 5.31
N LEU A 97 -12.60 -4.33 5.99
CA LEU A 97 -13.27 -5.62 6.18
C LEU A 97 -13.69 -5.83 7.63
N VAL A 98 -13.45 -4.83 8.48
CA VAL A 98 -13.70 -4.96 9.92
C VAL A 98 -14.36 -3.68 10.45
N LYS A 99 -15.20 -3.84 11.46
CA LYS A 99 -16.03 -2.75 12.00
C LYS A 99 -15.24 -1.59 12.57
N ASP A 100 -14.10 -1.89 13.19
CA ASP A 100 -13.29 -0.85 13.84
C ASP A 100 -12.40 -0.08 12.87
N LEU A 101 -12.36 -0.47 11.60
CA LEU A 101 -11.73 0.34 10.57
C LEU A 101 -12.79 1.07 9.77
N LYS A 102 -12.94 2.36 10.08
CA LYS A 102 -13.95 3.20 9.45
C LYS A 102 -13.33 4.11 8.42
N ILE A 103 -14.18 4.74 7.61
CA ILE A 103 -13.72 5.67 6.58
C ILE A 103 -12.70 6.64 7.15
N ASN A 104 -11.61 6.84 6.43
CA ASN A 104 -10.48 7.71 6.79
C ASN A 104 -9.43 7.08 7.73
N ASP A 105 -9.78 6.00 8.43
CA ASP A 105 -8.86 5.37 9.38
C ASP A 105 -7.67 4.79 8.67
N LEU A 106 -6.53 4.83 9.36
CA LEU A 106 -5.28 4.33 8.83
C LEU A 106 -4.98 2.93 9.34
N LEU A 107 -4.36 2.12 8.49
CA LEU A 107 -3.68 0.90 8.94
C LEU A 107 -2.38 0.68 8.20
N VAL A 108 -1.46 -0.03 8.85
CA VAL A 108 -0.29 -0.58 8.17
C VAL A 108 -0.47 -2.09 8.04
N ALA A 109 -0.04 -2.66 6.93
CA ALA A 109 -0.07 -4.10 6.73
C ALA A 109 1.08 -4.78 7.47
N THR A 110 0.74 -5.68 8.38
CA THR A 110 1.74 -6.56 8.98
C THR A 110 2.10 -7.68 8.00
N GLN A 111 1.09 -8.20 7.32
CA GLN A 111 1.28 -9.20 6.28
C GLN A 111 0.32 -8.94 5.15
N LEU A 112 0.69 -9.39 3.95
CA LEU A 112 -0.21 -9.31 2.82
C LEU A 112 -0.39 -10.65 2.14
N VAL A 113 -1.52 -10.78 1.45
CA VAL A 113 -1.86 -12.01 0.75
C VAL A 113 -2.47 -11.67 -0.59
N GLN A 114 -2.21 -12.50 -1.58
CA GLN A 114 -2.90 -12.40 -2.85
C GLN A 114 -4.19 -13.24 -2.77
N HIS A 115 -5.29 -12.58 -2.48
CA HIS A 115 -6.52 -13.27 -2.12
C HIS A 115 -7.22 -13.98 -3.28
N ASP A 116 -6.88 -13.62 -4.51
CA ASP A 116 -7.48 -14.20 -5.71
C ASP A 116 -6.68 -15.37 -6.33
N VAL A 117 -5.57 -15.74 -5.69
CA VAL A 117 -4.77 -16.87 -6.13
C VAL A 117 -5.45 -18.20 -5.77
N ASP A 118 -5.68 -19.05 -6.77
CA ASP A 118 -6.40 -20.30 -6.58
C ASP A 118 -5.78 -21.46 -7.37
N LEU A 119 -4.96 -22.26 -6.68
CA LEU A 119 -4.43 -23.50 -7.22
C LEU A 119 -4.99 -24.70 -6.42
N SER A 120 -6.23 -24.55 -5.95
CA SER A 120 -6.87 -25.57 -5.12
C SER A 120 -7.20 -26.85 -5.87
N ALA A 121 -7.22 -26.79 -7.20
CA ALA A 121 -7.35 -27.98 -8.02
C ALA A 121 -6.27 -29.01 -7.69
N PHE A 122 -5.11 -28.54 -7.22
CA PHE A 122 -4.03 -29.43 -6.79
C PHE A 122 -3.93 -29.51 -5.27
N ASP A 123 -5.02 -29.21 -4.57
CA ASP A 123 -5.06 -29.21 -3.10
C ASP A 123 -4.08 -28.25 -2.41
N HIS A 124 -3.62 -27.23 -3.12
CA HIS A 124 -2.93 -26.14 -2.46
C HIS A 124 -3.95 -25.26 -1.76
N PRO A 125 -3.60 -24.76 -0.58
CA PRO A 125 -4.42 -23.76 0.10
C PRO A 125 -4.65 -22.53 -0.78
N LEU A 126 -5.84 -21.94 -0.69
CA LEU A 126 -6.07 -20.68 -1.37
C LEU A 126 -5.00 -19.65 -0.96
N GLY A 127 -4.54 -18.85 -1.92
CA GLY A 127 -3.53 -17.85 -1.70
C GLY A 127 -2.10 -18.36 -1.91
N PHE A 128 -1.93 -19.67 -1.99
CA PHE A 128 -0.60 -20.28 -2.07
C PHE A 128 -0.17 -20.60 -3.49
N ILE A 129 1.09 -20.27 -3.80
CA ILE A 129 1.76 -20.70 -5.00
C ILE A 129 3.04 -21.46 -4.62
N PRO A 130 3.29 -22.63 -5.28
CA PRO A 130 4.53 -23.35 -5.04
C PRO A 130 5.74 -22.43 -5.14
N GLU A 131 6.75 -22.72 -4.32
CA GLU A 131 7.97 -21.94 -4.19
C GLU A 131 7.69 -20.51 -3.69
N SER A 132 6.54 -20.31 -3.07
CA SER A 132 6.23 -19.03 -2.43
C SER A 132 5.55 -19.28 -1.08
N ALA A 133 4.72 -18.34 -0.60
CA ALA A 133 4.04 -18.47 0.67
C ALA A 133 2.75 -17.70 0.58
N ILE A 134 1.77 -18.07 1.39
CA ILE A 134 0.51 -17.34 1.44
C ILE A 134 0.69 -15.89 1.88
N PHE A 135 1.44 -15.70 2.98
CA PHE A 135 1.59 -14.38 3.57
C PHE A 135 2.96 -13.79 3.33
N ILE A 136 3.00 -12.53 2.95
CA ILE A 136 4.24 -11.81 2.72
C ILE A 136 4.38 -10.77 3.81
N GLU A 137 5.54 -10.73 4.47
CA GLU A 137 5.78 -9.81 5.57
C GLU A 137 6.32 -8.47 5.08
N THR A 138 6.02 -7.42 5.83
CA THR A 138 6.58 -6.11 5.63
C THR A 138 7.61 -5.81 6.71
N SER A 139 8.23 -4.64 6.65
CA SER A 139 9.26 -4.24 7.59
C SER A 139 8.71 -3.97 8.99
N GLY A 140 9.09 -4.79 9.96
CA GLY A 140 8.66 -4.58 11.34
C GLY A 140 9.18 -3.25 11.88
N SER A 141 10.37 -2.88 11.44
CA SER A 141 10.98 -1.62 11.83
C SER A 141 10.19 -0.40 11.32
N LEU A 142 9.80 -0.40 10.06
CA LEU A 142 8.97 0.67 9.53
C LEU A 142 7.57 0.67 10.16
N ASN A 143 6.97 -0.50 10.36
CA ASN A 143 5.67 -0.55 11.05
C ASN A 143 5.75 -0.02 12.48
N ALA A 144 6.84 -0.30 13.18
CA ALA A 144 7.04 0.21 14.53
C ALA A 144 7.23 1.73 14.53
N LEU A 145 7.91 2.24 13.51
CA LEU A 145 8.04 3.69 13.35
C LEU A 145 6.65 4.32 13.14
N ALA A 146 5.83 3.74 12.26
CA ALA A 146 4.47 4.26 12.05
C ALA A 146 3.69 4.31 13.35
N LYS A 147 3.74 3.21 14.09
CA LYS A 147 3.06 3.14 15.36
C LYS A 147 3.52 4.21 16.35
N LYS A 148 4.82 4.40 16.46
CA LYS A 148 5.40 5.44 17.30
C LYS A 148 4.87 6.83 16.92
N ILE A 149 4.91 7.15 15.63
CA ILE A 149 4.43 8.44 15.15
C ILE A 149 2.94 8.64 15.39
N ALA A 150 2.16 7.60 15.11
CA ALA A 150 0.71 7.66 15.33
C ALA A 150 0.37 7.94 16.79
N ASN A 151 1.07 7.27 17.71
CA ASN A 151 0.87 7.52 19.13
CA ASN A 151 0.91 7.52 19.15
C ASN A 151 1.25 8.95 19.51
N GLU A 152 2.38 9.45 19.02
CA GLU A 152 2.80 10.84 19.27
C GLU A 152 1.83 11.89 18.70
N GLN A 153 1.27 11.63 17.52
CA GLN A 153 0.26 12.51 16.92
C GLN A 153 -1.17 12.28 17.46
N HIS A 154 -1.35 11.30 18.35
CA HIS A 154 -2.67 10.97 18.88
C HIS A 154 -3.67 10.59 17.78
N ILE A 155 -3.19 9.78 16.84
N ILE A 155 -3.22 9.83 16.79
CA ILE A 155 -3.96 9.24 15.73
CA ILE A 155 -4.16 9.27 15.84
C ILE A 155 -4.05 7.72 15.91
C ILE A 155 -4.08 7.75 15.90
N ALA A 156 -5.22 7.14 15.62
CA ALA A 156 -5.34 5.69 15.64
C ALA A 156 -4.60 5.14 14.43
N LEU A 157 -3.92 4.02 14.63
CA LEU A 157 -3.30 3.27 13.56
C LEU A 157 -3.48 1.80 13.89
N LYS A 158 -4.13 1.07 13.00
CA LYS A 158 -4.29 -0.37 13.16
C LYS A 158 -3.17 -1.07 12.42
N GLU A 159 -2.87 -2.28 12.85
CA GLU A 159 -1.93 -3.13 12.15
C GLU A 159 -2.70 -4.39 11.84
N GLY A 160 -2.54 -4.94 10.65
CA GLY A 160 -3.24 -6.16 10.31
C GLY A 160 -2.94 -6.64 8.91
N VAL A 161 -3.64 -7.71 8.53
CA VAL A 161 -3.42 -8.38 7.26
C VAL A 161 -4.18 -7.61 6.17
N ILE A 162 -3.52 -7.34 5.07
CA ILE A 162 -4.18 -6.74 3.92
C ILE A 162 -4.22 -7.74 2.80
N ALA A 163 -5.41 -7.90 2.21
CA ALA A 163 -5.62 -8.79 1.09
C ALA A 163 -5.62 -7.98 -0.21
N SER A 164 -4.87 -8.47 -1.20
CA SER A 164 -4.74 -7.82 -2.49
C SER A 164 -5.15 -8.76 -3.60
N GLY A 165 -5.88 -8.23 -4.57
CA GLY A 165 -6.29 -8.98 -5.74
C GLY A 165 -6.64 -8.06 -6.88
N ASP A 166 -6.95 -8.62 -8.04
CA ASP A 166 -7.25 -7.82 -9.24
C ASP A 166 -8.73 -7.58 -9.46
N GLN A 167 -9.51 -7.56 -8.39
CA GLN A 167 -10.91 -7.18 -8.46
C GLN A 167 -11.18 -6.10 -7.43
N PHE A 168 -12.03 -5.13 -7.80
CA PHE A 168 -12.55 -4.20 -6.83
C PHE A 168 -13.66 -4.93 -6.13
N VAL A 169 -13.51 -5.14 -4.82
CA VAL A 169 -14.43 -5.98 -4.04
C VAL A 169 -15.61 -5.14 -3.57
N HIS A 170 -16.82 -5.59 -3.88
CA HIS A 170 -18.03 -4.84 -3.55
C HIS A 170 -19.18 -5.76 -3.25
N SER A 171 -18.95 -6.71 -2.36
CA SER A 171 -19.96 -7.66 -1.98
C SER A 171 -19.67 -8.29 -0.63
N LYS A 172 -20.75 -8.54 0.10
CA LYS A 172 -20.70 -9.13 1.41
C LYS A 172 -20.08 -10.52 1.33
N GLU A 173 -20.46 -11.27 0.30
CA GLU A 173 -19.96 -12.62 0.14
C GLU A 173 -18.43 -12.65 0.00
N ARG A 174 -17.87 -11.74 -0.80
CA ARG A 174 -16.42 -11.72 -0.94
C ARG A 174 -15.72 -11.24 0.35
N LYS A 175 -16.28 -10.23 1.03
CA LYS A 175 -15.78 -9.79 2.35
C LYS A 175 -15.68 -10.95 3.33
N GLU A 176 -16.75 -11.73 3.43
CA GLU A 176 -16.80 -12.83 4.38
C GLU A 176 -15.69 -13.84 4.07
N PHE A 177 -15.45 -14.07 2.78
CA PHE A 177 -14.39 -14.98 2.38
C PHE A 177 -13.02 -14.47 2.79
N LEU A 178 -12.75 -13.19 2.57
CA LEU A 178 -11.46 -12.62 2.91
C LEU A 178 -11.18 -12.67 4.42
N VAL A 179 -12.23 -12.43 5.21
CA VAL A 179 -12.12 -12.47 6.66
C VAL A 179 -11.92 -13.92 7.15
N SER A 180 -12.73 -14.85 6.65
CA SER A 180 -12.63 -16.23 7.13
C SER A 180 -11.37 -16.93 6.62
N GLU A 181 -11.00 -16.71 5.37
CA GLU A 181 -9.88 -17.43 4.79
C GLU A 181 -8.52 -16.86 5.24
N PHE A 182 -8.40 -15.54 5.33
CA PHE A 182 -7.10 -14.90 5.53
C PHE A 182 -7.02 -14.01 6.77
N LYS A 183 -8.15 -13.80 7.44
CA LYS A 183 -8.26 -12.88 8.57
C LYS A 183 -7.79 -11.47 8.21
N ALA A 184 -8.10 -11.07 6.99
CA ALA A 184 -7.73 -9.76 6.47
C ALA A 184 -8.55 -8.66 7.14
N SER A 185 -7.93 -7.51 7.33
CA SER A 185 -8.62 -6.33 7.88
C SER A 185 -9.03 -5.35 6.78
N ALA A 186 -8.30 -5.39 5.65
CA ALA A 186 -8.56 -4.47 4.55
C ALA A 186 -8.24 -5.13 3.22
N VAL A 187 -8.82 -4.59 2.15
CA VAL A 187 -8.64 -5.12 0.80
C VAL A 187 -8.22 -3.98 -0.13
N GLU A 188 -7.30 -4.29 -1.05
CA GLU A 188 -6.85 -3.35 -2.06
C GLU A 188 -6.31 -4.19 -3.24
N MET A 189 -5.58 -3.60 -4.17
CA MET A 189 -5.22 -4.31 -5.40
C MET A 189 -3.72 -4.29 -5.76
N GLU A 190 -2.89 -3.88 -4.81
CA GLU A 190 -1.46 -3.62 -5.09
C GLU A 190 -0.48 -4.00 -3.97
N GLY A 191 -0.91 -3.90 -2.72
CA GLY A 191 0.01 -4.04 -1.60
C GLY A 191 0.81 -5.34 -1.61
N ALA A 192 0.14 -6.46 -1.86
CA ALA A 192 0.83 -7.74 -1.80
C ALA A 192 1.91 -7.83 -2.87
N SER A 193 1.63 -7.30 -4.06
CA SER A 193 2.60 -7.32 -5.14
C SER A 193 3.81 -6.43 -4.84
N VAL A 194 3.55 -5.26 -4.26
CA VAL A 194 4.63 -4.35 -3.85
C VAL A 194 5.51 -5.05 -2.80
N ALA A 195 4.89 -5.58 -1.75
CA ALA A 195 5.65 -6.20 -0.65
C ALA A 195 6.38 -7.45 -1.13
N PHE A 196 5.77 -8.19 -2.05
CA PHE A 196 6.39 -9.37 -2.63
C PHE A 196 7.72 -9.05 -3.32
N VAL A 197 7.68 -8.10 -4.24
CA VAL A 197 8.88 -7.67 -4.94
C VAL A 197 9.95 -7.22 -3.96
N CYS A 198 9.54 -6.39 -3.00
CA CYS A 198 10.49 -5.88 -2.03
C CYS A 198 11.18 -6.99 -1.28
N GLN A 199 10.41 -7.99 -0.85
CA GLN A 199 10.94 -9.14 -0.13
CA GLN A 199 11.00 -9.09 -0.11
C GLN A 199 12.00 -9.86 -0.97
N LYS A 200 11.70 -10.03 -2.25
CA LYS A 200 12.58 -10.75 -3.16
C LYS A 200 13.94 -10.06 -3.31
N PHE A 201 13.95 -8.74 -3.18
CA PHE A 201 15.19 -7.97 -3.33
C PHE A 201 15.77 -7.49 -1.99
N GLY A 202 15.23 -7.98 -0.88
CA GLY A 202 15.72 -7.58 0.45
C GLY A 202 15.53 -6.10 0.77
N VAL A 203 14.45 -5.49 0.28
CA VAL A 203 14.21 -4.06 0.46
C VAL A 203 13.09 -3.83 1.48
N PRO A 204 13.36 -3.04 2.55
CA PRO A 204 12.30 -2.79 3.51
C PRO A 204 11.09 -2.14 2.84
N CYS A 205 9.90 -2.60 3.23
CA CYS A 205 8.65 -2.17 2.66
C CYS A 205 7.62 -1.85 3.75
N CYS A 206 6.85 -0.78 3.55
CA CYS A 206 5.73 -0.46 4.45
C CYS A 206 4.54 -0.15 3.57
N VAL A 207 3.41 -0.81 3.86
CA VAL A 207 2.20 -0.56 3.10
C VAL A 207 1.19 0.12 4.02
N LEU A 208 0.91 1.38 3.69
CA LEU A 208 0.04 2.24 4.48
C LEU A 208 -1.22 2.51 3.68
N ARG A 209 -2.40 2.37 4.31
CA ARG A 209 -3.67 2.61 3.62
C ARG A 209 -4.64 3.39 4.51
N SER A 210 -5.47 4.24 3.90
CA SER A 210 -6.58 4.90 4.57
C SER A 210 -7.88 4.41 3.97
N ILE A 211 -8.84 4.13 4.82
CA ILE A 211 -10.07 3.49 4.37
C ILE A 211 -10.92 4.43 3.52
N SER A 212 -11.32 3.97 2.34
CA SER A 212 -12.21 4.74 1.45
C SER A 212 -13.63 4.18 1.38
N ASP A 213 -13.81 2.93 1.77
CA ASP A 213 -15.10 2.26 1.63
C ASP A 213 -15.10 0.98 2.45
N ASN A 214 -16.24 0.28 2.47
CA ASN A 214 -16.41 -0.96 3.22
C ASN A 214 -16.47 -2.22 2.38
N ALA A 215 -16.03 -2.13 1.13
CA ALA A 215 -15.87 -3.30 0.24
C ALA A 215 -17.16 -4.10 0.07
N ASP A 216 -18.29 -3.40 0.18
CA ASP A 216 -19.60 -4.01 0.10
C ASP A 216 -20.33 -3.45 -1.14
N GLU A 217 -21.64 -3.67 -1.22
CA GLU A 217 -22.41 -3.28 -2.40
C GLU A 217 -22.34 -1.77 -2.63
N LYS A 218 -22.07 -0.99 -1.57
CA LYS A 218 -21.99 0.47 -1.66
C LYS A 218 -20.58 1.00 -1.91
N ALA A 219 -19.63 0.11 -2.19
CA ALA A 219 -18.21 0.48 -2.19
C ALA A 219 -17.83 1.44 -3.32
N GLY A 220 -18.41 1.25 -4.50
CA GLY A 220 -18.11 2.12 -5.65
C GLY A 220 -18.45 3.55 -5.31
N MET A 221 -19.63 3.72 -4.75
CA MET A 221 -20.11 5.03 -4.36
C MET A 221 -19.27 5.66 -3.21
N SER A 222 -18.92 4.86 -2.21
CA SER A 222 -18.10 5.36 -1.10
C SER A 222 -16.71 5.74 -1.60
N PHE A 223 -16.15 4.91 -2.46
CA PHE A 223 -14.82 5.13 -3.01
C PHE A 223 -14.75 6.45 -3.79
N ASP A 224 -15.72 6.68 -4.66
CA ASP A 224 -15.82 7.94 -5.41
C ASP A 224 -15.90 9.14 -4.46
N GLU A 225 -16.68 9.01 -3.40
CA GLU A 225 -16.81 10.07 -2.41
C GLU A 225 -15.52 10.36 -1.62
N PHE A 226 -14.84 9.31 -1.18
CA PHE A 226 -13.75 9.45 -0.21
C PHE A 226 -12.33 9.30 -0.73
N LEU A 227 -12.16 8.93 -2.00
CA LEU A 227 -10.84 8.72 -2.58
C LEU A 227 -9.88 9.87 -2.27
N GLU A 228 -10.29 11.09 -2.53
N GLU A 228 -10.28 11.09 -2.58
CA GLU A 228 -9.39 12.24 -2.42
CA GLU A 228 -9.42 12.28 -2.40
C GLU A 228 -9.02 12.52 -0.95
C GLU A 228 -9.01 12.47 -0.95
N LYS A 229 -10.00 12.52 -0.07
CA LYS A 229 -9.76 12.75 1.34
C LYS A 229 -8.93 11.63 1.97
N SER A 230 -9.31 10.38 1.72
CA SER A 230 -8.57 9.25 2.25
C SER A 230 -7.13 9.21 1.71
N ALA A 231 -6.96 9.52 0.41
CA ALA A 231 -5.61 9.60 -0.16
C ALA A 231 -4.76 10.64 0.54
N HIS A 232 -5.36 11.77 0.87
CA HIS A 232 -4.65 12.84 1.51
C HIS A 232 -4.27 12.45 2.96
N THR A 233 -5.20 11.80 3.65
CA THR A 233 -4.92 11.29 4.99
C THR A 233 -3.70 10.36 4.98
N SER A 234 -3.68 9.42 4.04
CA SER A 234 -2.58 8.50 3.92
C SER A 234 -1.29 9.24 3.58
N ALA A 235 -1.37 10.15 2.61
CA ALA A 235 -0.20 10.93 2.15
C ALA A 235 0.42 11.76 3.28
N LYS A 236 -0.40 12.49 4.02
CA LYS A 236 0.08 13.21 5.22
C LYS A 236 0.86 12.32 6.19
N PHE A 237 0.32 11.14 6.44
CA PHE A 237 0.97 10.25 7.39
C PHE A 237 2.30 9.73 6.84
N LEU A 238 2.29 9.34 5.57
CA LEU A 238 3.53 8.87 4.94
C LEU A 238 4.61 9.95 5.03
N LYS A 239 4.23 11.20 4.82
CA LYS A 239 5.20 12.28 4.92
C LYS A 239 5.76 12.38 6.34
N SER A 240 4.89 12.27 7.35
CA SER A 240 5.35 12.26 8.73
C SER A 240 6.35 11.10 9.01
N MET A 241 6.22 9.98 8.31
CA MET A 241 7.19 8.89 8.41
C MET A 241 8.52 9.26 7.76
N VAL A 242 8.45 9.78 6.55
CA VAL A 242 9.65 10.21 5.82
C VAL A 242 10.38 11.29 6.62
N ASP A 243 9.63 12.14 7.32
CA ASP A 243 10.24 13.15 8.17
C ASP A 243 11.09 12.57 9.31
N GLU A 244 10.80 11.34 9.73
CA GLU A 244 11.57 10.69 10.80
C GLU A 244 12.58 9.67 10.29
N LEU A 245 12.67 9.47 8.97
CA LEU A 245 13.62 8.51 8.41
C LEU A 245 14.97 9.16 8.16
C2 TDI B . -10.36 -3.38 -3.89
C4 TDI B . -9.93 -1.22 -3.13
C5 TDI B . -11.21 -1.13 -2.60
C6 TDI B . -12.06 -2.23 -2.76
CS5 TDI B . -10.53 2.02 -9.38
S TDI B . -10.14 0.43 -8.70
C5' TDI B . -9.86 0.68 -6.99
C4' TDI B . -8.48 1.29 -6.70
C1' TDI B . -8.39 1.71 -5.22
N1' TDI B . -7.44 0.78 -4.58
C10 TDI B . -7.82 0.37 -3.23
C9 TDI B . -9.24 -0.03 -2.90
C8 TDI B . -10.15 0.77 -2.20
N7 TDI B . -11.32 0.08 -2.04
N6 TDI B . -13.33 -2.19 -2.25
N1 TDI B . -11.62 -3.34 -3.39
N3 TDI B . -9.51 -2.34 -3.77
C2' TDI B . -7.31 -0.39 -5.51
C3' TDI B . -7.37 0.29 -6.87
O3' TDI B . -6.13 0.99 -7.12
#